data_1KEA
#
_entry.id   1KEA
#
_cell.length_a   68.215
_cell.length_b   68.215
_cell.length_c   98.944
_cell.angle_alpha   90.00
_cell.angle_beta   90.00
_cell.angle_gamma   90.00
#
_symmetry.space_group_name_H-M   'P 41 21 2'
#
loop_
_entity.id
_entity.type
_entity.pdbx_description
1 polymer 'Possible G-T mismatches repair enzyme'
2 non-polymer 'ZINC ION'
3 non-polymer 'ACETATE ION'
4 non-polymer 'CHLORIDE ION'
5 non-polymer 'IRON/SULFUR CLUSTER'
6 water water
#
_entity_poly.entity_id   1
_entity_poly.type   'polypeptide(L)'
_entity_poly.pdbx_seq_one_letter_code
;MDDATNKKRKVFVSTILTFWNTDRRDFPWRHTRDPYVILITEILLRRTTAGHVKKIYDKFFVKYKCFEDILKTPKSEIAK
DIKEIGLSNQRAEQLKELARVVINDYGGRVPRNRKAILDLPGVGKYTCAAVMCLAFGKKAAMVDANFVRVINRYFGGSYE
NLNYNHKALWELAETLVPGGKCRDFNLGLMDFSAIICAPRKPKCEKCGMSKLCSYYEKCST
;
_entity_poly.pdbx_strand_id   A
#
loop_
_chem_comp.id
_chem_comp.type
_chem_comp.name
_chem_comp.formula
ACT non-polymer 'ACETATE ION' 'C2 H3 O2 -1'
CL non-polymer 'CHLORIDE ION' 'Cl -1'
SF4 non-polymer 'IRON/SULFUR CLUSTER' 'Fe4 S4'
ZN non-polymer 'ZINC ION' 'Zn 2'
#
# COMPACT_ATOMS: atom_id res chain seq x y z
N ASP A 3 25.49 15.45 4.23
CA ASP A 3 25.45 15.88 5.66
C ASP A 3 25.11 14.67 6.55
N ALA A 4 25.04 14.91 7.85
CA ALA A 4 24.72 13.85 8.81
C ALA A 4 23.31 13.30 8.56
N THR A 5 22.54 14.02 7.75
CA THR A 5 21.18 13.58 7.43
C THR A 5 21.28 12.29 6.64
N ASN A 6 22.49 11.96 6.22
CA ASN A 6 22.75 10.75 5.46
C ASN A 6 22.67 9.55 6.40
N LYS A 7 23.22 9.71 7.61
CA LYS A 7 23.20 8.63 8.58
C LYS A 7 21.81 8.44 9.15
N LYS A 8 21.08 9.53 9.32
CA LYS A 8 19.74 9.45 9.88
C LYS A 8 18.85 8.70 8.89
N ARG A 9 19.02 8.99 7.60
CA ARG A 9 18.24 8.33 6.57
C ARG A 9 18.65 6.86 6.47
N LYS A 10 19.95 6.59 6.62
CA LYS A 10 20.46 5.23 6.54
C LYS A 10 19.94 4.34 7.65
N VAL A 11 19.88 4.89 8.86
CA VAL A 11 19.37 4.13 10.00
C VAL A 11 17.88 3.85 9.82
N PHE A 12 17.14 4.82 9.29
CA PHE A 12 15.70 4.65 9.06
C PHE A 12 15.48 3.42 8.19
N VAL A 13 16.10 3.42 7.01
CA VAL A 13 15.96 2.32 6.08
C VAL A 13 16.38 0.99 6.73
N SER A 14 17.53 0.99 7.40
CA SER A 14 18.04 -0.21 8.06
C SER A 14 17.06 -0.75 9.10
N THR A 15 16.50 0.14 9.91
CA THR A 15 15.54 -0.23 10.94
C THR A 15 14.32 -0.92 10.32
N ILE A 16 13.77 -0.31 9.28
CA ILE A 16 12.60 -0.84 8.58
C ILE A 16 12.85 -2.18 7.89
N LEU A 17 13.98 -2.28 7.19
CA LEU A 17 14.30 -3.52 6.48
C LEU A 17 14.45 -4.68 7.45
N THR A 18 15.01 -4.42 8.63
CA THR A 18 15.19 -5.46 9.64
C THR A 18 13.84 -5.88 10.20
N PHE A 19 12.95 -4.90 10.38
CA PHE A 19 11.62 -5.18 10.92
C PHE A 19 10.88 -6.13 9.98
N TRP A 20 11.08 -5.94 8.69
CA TRP A 20 10.45 -6.80 7.70
C TRP A 20 10.83 -8.27 7.96
N ASN A 21 12.04 -8.48 8.47
CA ASN A 21 12.52 -9.82 8.76
C ASN A 21 12.34 -10.31 10.19
N THR A 22 12.04 -9.40 11.12
CA THR A 22 11.87 -9.80 12.51
C THR A 22 10.41 -9.83 12.98
N ASP A 23 9.58 -8.91 12.49
CA ASP A 23 8.18 -8.86 12.92
C ASP A 23 7.19 -8.70 11.78
N ARG A 24 7.39 -9.48 10.74
CA ARG A 24 6.56 -9.46 9.54
C ARG A 24 5.13 -9.94 9.81
N ARG A 25 4.13 -9.17 9.35
CA ARG A 25 2.75 -9.57 9.50
C ARG A 25 2.42 -10.41 8.26
N ASP A 26 1.30 -11.11 8.27
CA ASP A 26 0.95 -11.97 7.14
C ASP A 26 -0.46 -11.76 6.62
N PHE A 27 -0.59 -11.72 5.30
CA PHE A 27 -1.87 -11.56 4.61
C PHE A 27 -1.71 -12.32 3.31
N PRO A 28 -2.78 -12.99 2.84
CA PRO A 28 -2.72 -13.74 1.59
C PRO A 28 -2.18 -13.01 0.37
N TRP A 29 -2.55 -11.74 0.22
CA TRP A 29 -2.10 -10.95 -0.92
C TRP A 29 -0.62 -10.62 -0.88
N ARG A 30 0.06 -10.99 0.20
CA ARG A 30 1.49 -10.75 0.28
C ARG A 30 2.20 -11.97 -0.33
N HIS A 31 1.40 -12.90 -0.86
CA HIS A 31 1.94 -14.13 -1.42
C HIS A 31 1.59 -14.32 -2.89
N THR A 32 1.37 -13.22 -3.60
CA THR A 32 1.05 -13.30 -5.01
C THR A 32 1.70 -12.14 -5.72
N ARG A 33 1.92 -12.31 -7.03
CA ARG A 33 2.48 -11.25 -7.84
C ARG A 33 1.59 -10.98 -9.04
N ASP A 34 0.39 -11.57 -9.06
CA ASP A 34 -0.52 -11.31 -10.16
C ASP A 34 -0.95 -9.85 -9.99
N PRO A 35 -0.80 -9.04 -11.06
CA PRO A 35 -1.17 -7.64 -11.04
C PRO A 35 -2.64 -7.41 -10.74
N TYR A 36 -3.50 -8.25 -11.30
CA TYR A 36 -4.95 -8.13 -11.08
C TYR A 36 -5.31 -8.31 -9.61
N VAL A 37 -4.78 -9.36 -9.00
CA VAL A 37 -5.06 -9.64 -7.59
C VAL A 37 -4.58 -8.53 -6.68
N ILE A 38 -3.36 -8.06 -6.91
N ILE A 38 -3.36 -8.06 -6.92
CA ILE A 38 -2.80 -6.98 -6.09
CA ILE A 38 -2.77 -6.98 -6.13
C ILE A 38 -3.63 -5.71 -6.20
C ILE A 38 -3.64 -5.72 -6.21
N LEU A 39 -3.90 -5.28 -7.43
CA LEU A 39 -4.71 -4.08 -7.67
C LEU A 39 -6.11 -4.19 -7.07
N ILE A 40 -6.78 -5.30 -7.34
CA ILE A 40 -8.14 -5.48 -6.82
C ILE A 40 -8.13 -5.53 -5.30
N THR A 41 -7.15 -6.22 -4.72
CA THR A 41 -7.07 -6.32 -3.27
C THR A 41 -6.87 -4.94 -2.66
N GLU A 42 -6.02 -4.12 -3.26
CA GLU A 42 -5.78 -2.78 -2.72
C GLU A 42 -7.07 -1.96 -2.79
N ILE A 43 -7.88 -2.20 -3.80
CA ILE A 43 -9.15 -1.48 -3.94
C ILE A 43 -10.16 -1.95 -2.90
N LEU A 44 -10.21 -3.25 -2.66
CA LEU A 44 -11.12 -3.82 -1.67
C LEU A 44 -10.77 -3.39 -0.24
N LEU A 45 -9.47 -3.16 0.02
CA LEU A 45 -9.00 -2.77 1.34
C LEU A 45 -9.44 -1.38 1.79
N ARG A 46 -9.83 -0.55 0.84
CA ARG A 46 -10.27 0.80 1.16
C ARG A 46 -11.52 0.80 2.00
N ARG A 47 -11.53 1.65 3.03
CA ARG A 47 -12.69 1.79 3.90
C ARG A 47 -13.06 0.55 4.70
N THR A 48 -12.11 -0.38 4.85
CA THR A 48 -12.39 -1.59 5.63
C THR A 48 -11.08 -2.04 6.27
N THR A 49 -11.04 -3.28 6.75
CA THR A 49 -9.82 -3.78 7.40
C THR A 49 -9.26 -5.00 6.68
N ALA A 50 -7.96 -5.22 6.85
CA ALA A 50 -7.28 -6.35 6.25
C ALA A 50 -7.95 -7.66 6.61
N GLY A 51 -8.43 -7.73 7.85
CA GLY A 51 -9.10 -8.92 8.31
C GLY A 51 -10.36 -9.21 7.51
N HIS A 52 -11.12 -8.17 7.18
CA HIS A 52 -12.34 -8.35 6.40
C HIS A 52 -12.04 -8.89 4.99
N VAL A 53 -11.07 -8.28 4.33
CA VAL A 53 -10.70 -8.69 2.97
C VAL A 53 -10.13 -10.11 2.98
N LYS A 54 -9.29 -10.40 3.96
CA LYS A 54 -8.69 -11.71 4.10
C LYS A 54 -9.77 -12.79 4.16
N LYS A 55 -10.88 -12.48 4.83
CA LYS A 55 -11.98 -13.42 4.97
C LYS A 55 -12.81 -13.68 3.71
N ILE A 56 -12.76 -12.81 2.72
CA ILE A 56 -13.51 -13.06 1.48
C ILE A 56 -12.55 -13.37 0.34
N TYR A 57 -11.26 -13.21 0.61
CA TYR A 57 -10.21 -13.43 -0.38
C TYR A 57 -10.32 -14.74 -1.16
N ASP A 58 -10.40 -15.86 -0.44
CA ASP A 58 -10.48 -17.18 -1.09
C ASP A 58 -11.63 -17.35 -2.07
N LYS A 59 -12.84 -17.06 -1.63
CA LYS A 59 -14.01 -17.20 -2.50
C LYS A 59 -14.02 -16.12 -3.58
N PHE A 60 -13.61 -14.92 -3.22
CA PHE A 60 -13.61 -13.84 -4.21
C PHE A 60 -12.71 -14.11 -5.41
N PHE A 61 -11.47 -14.51 -5.16
CA PHE A 61 -10.56 -14.72 -6.27
C PHE A 61 -10.69 -16.04 -7.00
N VAL A 62 -11.52 -16.93 -6.48
CA VAL A 62 -11.77 -18.18 -7.17
C VAL A 62 -12.86 -17.84 -8.17
N LYS A 63 -13.82 -17.02 -7.73
CA LYS A 63 -14.93 -16.61 -8.58
C LYS A 63 -14.54 -15.56 -9.63
N TYR A 64 -13.79 -14.56 -9.21
CA TYR A 64 -13.35 -13.51 -10.13
C TYR A 64 -11.84 -13.65 -10.33
N LYS A 65 -11.47 -14.48 -11.29
CA LYS A 65 -10.06 -14.74 -11.56
C LYS A 65 -9.36 -13.63 -12.33
N CYS A 66 -10.15 -12.77 -12.97
CA CYS A 66 -9.59 -11.66 -13.74
C CYS A 66 -10.70 -10.64 -14.02
N PHE A 67 -10.35 -9.58 -14.73
CA PHE A 67 -11.30 -8.53 -15.06
C PHE A 67 -12.48 -9.03 -15.88
N GLU A 68 -12.24 -10.00 -16.75
CA GLU A 68 -13.31 -10.55 -17.58
C GLU A 68 -14.42 -11.12 -16.71
N ASP A 69 -14.04 -11.77 -15.62
CA ASP A 69 -14.99 -12.37 -14.69
C ASP A 69 -15.83 -11.29 -14.02
N ILE A 70 -15.18 -10.19 -13.67
CA ILE A 70 -15.89 -9.08 -13.04
C ILE A 70 -16.86 -8.42 -14.02
N LEU A 71 -16.38 -8.13 -15.22
CA LEU A 71 -17.20 -7.45 -16.22
C LEU A 71 -18.45 -8.21 -16.67
N LYS A 72 -18.40 -9.54 -16.65
CA LYS A 72 -19.56 -10.33 -17.07
C LYS A 72 -20.56 -10.58 -15.96
N THR A 73 -20.17 -10.27 -14.73
CA THR A 73 -21.06 -10.49 -13.59
C THR A 73 -21.93 -9.27 -13.28
N PRO A 74 -23.23 -9.48 -13.02
CA PRO A 74 -24.13 -8.36 -12.70
C PRO A 74 -23.61 -7.60 -11.49
N LYS A 75 -23.86 -6.30 -11.45
CA LYS A 75 -23.40 -5.48 -10.34
C LYS A 75 -23.96 -5.97 -9.01
N SER A 76 -25.25 -6.29 -8.98
CA SER A 76 -25.91 -6.76 -7.77
C SER A 76 -25.29 -8.07 -7.24
N GLU A 77 -24.82 -8.92 -8.14
CA GLU A 77 -24.22 -10.19 -7.73
C GLU A 77 -22.85 -9.91 -7.09
N ILE A 78 -22.07 -9.04 -7.70
CA ILE A 78 -20.76 -8.68 -7.15
C ILE A 78 -20.98 -8.08 -5.76
N ALA A 79 -21.91 -7.14 -5.66
CA ALA A 79 -22.22 -6.48 -4.39
C ALA A 79 -22.54 -7.50 -3.30
N LYS A 80 -23.35 -8.49 -3.63
CA LYS A 80 -23.72 -9.54 -2.70
C LYS A 80 -22.47 -10.26 -2.20
N ASP A 81 -21.58 -10.60 -3.14
CA ASP A 81 -20.35 -11.31 -2.80
C ASP A 81 -19.40 -10.55 -1.87
N ILE A 82 -19.47 -9.23 -1.88
CA ILE A 82 -18.59 -8.43 -1.03
C ILE A 82 -19.35 -7.56 -0.02
N LYS A 83 -20.57 -7.95 0.28
CA LYS A 83 -21.39 -7.19 1.22
C LYS A 83 -20.66 -7.06 2.55
N GLU A 84 -19.97 -8.12 2.94
CA GLU A 84 -19.24 -8.17 4.19
C GLU A 84 -18.33 -6.98 4.49
N ILE A 85 -17.66 -6.44 3.48
CA ILE A 85 -16.76 -5.31 3.69
C ILE A 85 -17.44 -3.94 3.62
N GLY A 86 -18.76 -3.92 3.42
CA GLY A 86 -19.49 -2.67 3.35
C GLY A 86 -19.44 -1.93 2.03
N LEU A 87 -20.32 -0.93 1.87
CA LEU A 87 -20.39 -0.12 0.66
C LEU A 87 -20.34 -1.00 -0.58
N SER A 88 -20.91 -2.19 -0.47
CA SER A 88 -20.91 -3.16 -1.56
C SER A 88 -21.38 -2.68 -2.93
N ASN A 89 -22.50 -1.96 -2.98
CA ASN A 89 -23.00 -1.50 -4.28
C ASN A 89 -22.07 -0.47 -4.90
N GLN A 90 -21.59 0.46 -4.10
CA GLN A 90 -20.67 1.48 -4.58
C GLN A 90 -19.36 0.82 -5.05
N ARG A 91 -18.90 -0.20 -4.32
CA ARG A 91 -17.67 -0.91 -4.68
C ARG A 91 -17.84 -1.71 -5.96
N ALA A 92 -19.00 -2.36 -6.09
CA ALA A 92 -19.29 -3.17 -7.26
C ALA A 92 -19.27 -2.31 -8.51
N GLU A 93 -19.91 -1.14 -8.43
CA GLU A 93 -19.96 -0.23 -9.57
C GLU A 93 -18.54 0.16 -9.99
N GLN A 94 -17.71 0.45 -9.00
CA GLN A 94 -16.32 0.83 -9.27
C GLN A 94 -15.51 -0.32 -9.86
N LEU A 95 -15.70 -1.53 -9.35
CA LEU A 95 -14.97 -2.67 -9.88
C LEU A 95 -15.29 -2.90 -11.35
N LYS A 96 -16.56 -2.79 -11.70
CA LYS A 96 -16.98 -2.99 -13.08
C LYS A 96 -16.42 -1.91 -14.00
N GLU A 97 -16.39 -0.66 -13.53
CA GLU A 97 -15.85 0.40 -14.37
C GLU A 97 -14.37 0.16 -14.62
N LEU A 98 -13.63 -0.20 -13.57
CA LEU A 98 -12.21 -0.48 -13.71
C LEU A 98 -12.02 -1.65 -14.67
N ALA A 99 -12.83 -2.70 -14.53
CA ALA A 99 -12.71 -3.87 -15.40
C ALA A 99 -12.99 -3.48 -16.85
N ARG A 100 -13.97 -2.61 -17.05
CA ARG A 100 -14.33 -2.17 -18.39
C ARG A 100 -13.18 -1.45 -19.09
N VAL A 101 -12.44 -0.63 -18.36
CA VAL A 101 -11.32 0.10 -18.93
C VAL A 101 -10.13 -0.82 -19.24
N VAL A 102 -9.83 -1.71 -18.30
CA VAL A 102 -8.71 -2.62 -18.49
C VAL A 102 -8.96 -3.58 -19.67
N ILE A 103 -10.21 -3.98 -19.84
N ILE A 103 -10.20 -3.99 -19.85
CA ILE A 103 -10.58 -4.89 -20.93
CA ILE A 103 -10.53 -4.90 -20.95
C ILE A 103 -10.59 -4.14 -22.25
C ILE A 103 -10.59 -4.14 -22.26
N ASN A 104 -11.29 -3.01 -22.27
CA ASN A 104 -11.41 -2.18 -23.47
C ASN A 104 -10.12 -1.52 -23.93
N ASP A 105 -9.25 -1.17 -22.99
CA ASP A 105 -8.02 -0.47 -23.32
C ASP A 105 -6.70 -1.22 -23.20
N TYR A 106 -6.62 -2.17 -22.27
CA TYR A 106 -5.36 -2.90 -22.09
C TYR A 106 -5.39 -4.40 -22.30
N GLY A 107 -6.36 -4.88 -23.08
CA GLY A 107 -6.45 -6.30 -23.35
C GLY A 107 -6.68 -7.16 -22.12
N GLY A 108 -7.31 -6.58 -21.10
CA GLY A 108 -7.58 -7.32 -19.88
C GLY A 108 -6.42 -7.48 -18.92
N ARG A 109 -5.32 -6.79 -19.19
CA ARG A 109 -4.15 -6.88 -18.31
C ARG A 109 -3.62 -5.53 -17.83
N VAL A 110 -3.33 -5.45 -16.53
CA VAL A 110 -2.79 -4.22 -15.93
C VAL A 110 -1.45 -3.87 -16.56
N PRO A 111 -1.30 -2.63 -17.04
CA PRO A 111 -0.06 -2.15 -17.66
C PRO A 111 1.08 -1.97 -16.66
N ARG A 112 2.29 -2.31 -17.10
CA ARG A 112 3.49 -2.20 -16.29
C ARG A 112 4.06 -0.79 -16.49
N ASN A 113 3.20 0.21 -16.31
CA ASN A 113 3.58 1.61 -16.50
C ASN A 113 2.89 2.52 -15.48
N ARG A 114 3.68 3.31 -14.75
CA ARG A 114 3.13 4.19 -13.74
C ARG A 114 1.95 5.06 -14.18
N LYS A 115 2.18 5.95 -15.13
CA LYS A 115 1.12 6.84 -15.60
C LYS A 115 -0.11 6.11 -16.15
N ALA A 116 0.08 4.92 -16.72
CA ALA A 116 -1.06 4.17 -17.25
C ALA A 116 -1.91 3.66 -16.09
N ILE A 117 -1.26 3.08 -15.09
CA ILE A 117 -1.95 2.55 -13.92
C ILE A 117 -2.69 3.67 -13.19
N LEU A 118 -1.95 4.72 -12.86
CA LEU A 118 -2.51 5.87 -12.14
C LEU A 118 -3.79 6.44 -12.73
N ASP A 119 -3.98 6.27 -14.04
CA ASP A 119 -5.16 6.81 -14.69
C ASP A 119 -6.33 5.83 -14.73
N LEU A 120 -6.11 4.59 -14.25
CA LEU A 120 -7.19 3.62 -14.23
C LEU A 120 -8.23 4.08 -13.21
N PRO A 121 -9.52 3.80 -13.48
CA PRO A 121 -10.61 4.19 -12.58
C PRO A 121 -10.40 3.71 -11.15
N GLY A 122 -10.57 4.63 -10.20
CA GLY A 122 -10.42 4.28 -8.80
C GLY A 122 -9.01 4.16 -8.27
N VAL A 123 -8.00 4.39 -9.11
CA VAL A 123 -6.61 4.27 -8.66
C VAL A 123 -5.99 5.62 -8.28
N GLY A 124 -5.39 5.66 -7.11
CA GLY A 124 -4.71 6.84 -6.63
C GLY A 124 -3.22 6.56 -6.54
N LYS A 125 -2.45 7.53 -6.03
CA LYS A 125 -1.00 7.38 -5.94
C LYS A 125 -0.53 6.19 -5.10
N TYR A 126 -1.27 5.87 -4.04
CA TYR A 126 -0.90 4.77 -3.18
C TYR A 126 -1.09 3.42 -3.86
N THR A 127 -2.24 3.23 -4.50
CA THR A 127 -2.54 1.97 -5.15
C THR A 127 -1.59 1.76 -6.32
N CYS A 128 -1.33 2.82 -7.08
CA CYS A 128 -0.41 2.75 -8.21
C CYS A 128 0.97 2.29 -7.72
N ALA A 129 1.38 2.82 -6.57
CA ALA A 129 2.67 2.46 -5.98
C ALA A 129 2.68 0.99 -5.58
N ALA A 130 1.57 0.53 -5.02
CA ALA A 130 1.45 -0.86 -4.60
C ALA A 130 1.56 -1.82 -5.78
N VAL A 131 0.89 -1.49 -6.88
CA VAL A 131 0.94 -2.36 -8.06
C VAL A 131 2.35 -2.39 -8.64
N MET A 132 2.94 -1.21 -8.82
N MET A 132 2.94 -1.21 -8.82
CA MET A 132 4.30 -1.12 -9.37
CA MET A 132 4.29 -1.11 -9.37
C MET A 132 5.32 -1.88 -8.55
C MET A 132 5.33 -1.86 -8.55
N CYS A 133 5.26 -1.71 -7.23
CA CYS A 133 6.19 -2.37 -6.32
C CYS A 133 5.91 -3.85 -6.09
N LEU A 134 4.71 -4.15 -5.57
CA LEU A 134 4.35 -5.53 -5.26
C LEU A 134 4.16 -6.46 -6.47
N ALA A 135 3.61 -5.93 -7.56
CA ALA A 135 3.38 -6.77 -8.73
C ALA A 135 4.53 -6.76 -9.72
N PHE A 136 5.05 -5.58 -10.04
CA PHE A 136 6.12 -5.46 -11.02
C PHE A 136 7.53 -5.24 -10.47
N GLY A 137 7.65 -5.22 -9.14
CA GLY A 137 8.96 -5.04 -8.52
C GLY A 137 9.69 -3.77 -8.88
N LYS A 138 8.96 -2.71 -9.23
CA LYS A 138 9.55 -1.43 -9.57
C LYS A 138 9.60 -0.50 -8.37
N LYS A 139 10.64 0.33 -8.30
CA LYS A 139 10.77 1.26 -7.17
C LYS A 139 9.60 2.23 -7.11
N ALA A 140 8.98 2.30 -5.94
CA ALA A 140 7.85 3.19 -5.70
C ALA A 140 7.56 3.15 -4.20
N ALA A 141 7.17 4.28 -3.65
CA ALA A 141 6.87 4.38 -2.23
C ALA A 141 5.35 4.33 -2.02
N MET A 142 4.91 3.41 -1.17
CA MET A 142 3.49 3.24 -0.87
C MET A 142 3.18 4.11 0.32
N VAL A 143 3.00 5.40 0.06
CA VAL A 143 2.75 6.38 1.11
C VAL A 143 1.29 6.61 1.47
N ASP A 144 0.93 6.21 2.68
CA ASP A 144 -0.41 6.42 3.20
C ASP A 144 -0.26 7.24 4.47
N ALA A 145 -1.36 7.48 5.17
CA ALA A 145 -1.33 8.29 6.38
C ALA A 145 -0.39 7.72 7.45
N ASN A 146 -0.28 6.40 7.51
CA ASN A 146 0.58 5.78 8.51
C ASN A 146 2.05 6.03 8.21
N PHE A 147 2.38 6.05 6.92
CA PHE A 147 3.74 6.30 6.45
C PHE A 147 4.07 7.75 6.82
N VAL A 148 3.10 8.64 6.59
CA VAL A 148 3.27 10.05 6.91
C VAL A 148 3.58 10.22 8.40
N ARG A 149 2.86 9.50 9.23
CA ARG A 149 3.04 9.60 10.68
C ARG A 149 4.47 9.31 11.12
N VAL A 150 5.05 8.23 10.62
CA VAL A 150 6.41 7.86 10.99
C VAL A 150 7.40 8.90 10.50
N ILE A 151 7.20 9.39 9.28
CA ILE A 151 8.07 10.42 8.72
C ILE A 151 7.97 11.69 9.56
N ASN A 152 6.75 12.10 9.91
CA ASN A 152 6.55 13.30 10.72
C ASN A 152 7.33 13.20 12.02
N ARG A 153 7.15 12.07 12.71
CA ARG A 153 7.78 11.82 14.00
C ARG A 153 9.30 11.66 13.96
N TYR A 154 9.76 10.77 13.08
CA TYR A 154 11.19 10.49 12.98
C TYR A 154 12.03 11.63 12.41
N PHE A 155 11.63 12.15 11.27
CA PHE A 155 12.39 13.22 10.65
C PHE A 155 12.05 14.61 11.19
N GLY A 156 10.79 14.83 11.52
CA GLY A 156 10.38 16.12 12.05
C GLY A 156 10.89 17.28 11.20
N GLY A 157 11.22 18.39 11.87
CA GLY A 157 11.71 19.54 11.13
C GLY A 157 10.67 20.01 10.12
N SER A 158 11.10 20.25 8.89
CA SER A 158 10.20 20.72 7.85
C SER A 158 9.25 19.62 7.35
N TYR A 159 9.40 18.41 7.87
CA TYR A 159 8.53 17.31 7.47
C TYR A 159 7.50 16.96 8.54
N GLU A 160 7.66 17.56 9.72
CA GLU A 160 6.77 17.29 10.85
C GLU A 160 5.27 17.52 10.61
N ASN A 161 4.92 18.44 9.72
CA ASN A 161 3.51 18.73 9.49
C ASN A 161 3.01 18.49 8.07
N LEU A 162 3.84 17.89 7.23
CA LEU A 162 3.46 17.61 5.85
C LEU A 162 2.69 16.30 5.77
N ASN A 163 1.89 16.14 4.72
CA ASN A 163 1.14 14.89 4.52
C ASN A 163 1.37 14.42 3.09
N TYR A 164 0.79 13.30 2.70
CA TYR A 164 1.04 12.79 1.35
C TYR A 164 0.51 13.62 0.18
N ASN A 165 -0.08 14.78 0.49
CA ASN A 165 -0.57 15.67 -0.55
C ASN A 165 0.53 16.70 -0.84
N HIS A 166 1.64 16.57 -0.13
CA HIS A 166 2.80 17.45 -0.29
C HIS A 166 3.87 16.69 -1.07
N LYS A 167 4.25 17.22 -2.23
CA LYS A 167 5.26 16.56 -3.07
C LYS A 167 6.60 16.43 -2.35
N ALA A 168 6.91 17.38 -1.47
CA ALA A 168 8.17 17.34 -0.72
C ALA A 168 8.24 16.09 0.14
N LEU A 169 7.10 15.68 0.69
CA LEU A 169 7.07 14.49 1.54
C LEU A 169 7.16 13.23 0.70
N TRP A 170 6.50 13.23 -0.46
CA TRP A 170 6.52 12.04 -1.31
C TRP A 170 7.90 11.86 -1.93
N GLU A 171 8.60 12.96 -2.19
CA GLU A 171 9.93 12.89 -2.77
C GLU A 171 10.91 12.27 -1.78
N LEU A 172 10.81 12.65 -0.50
CA LEU A 172 11.67 12.07 0.53
C LEU A 172 11.41 10.57 0.61
N ALA A 173 10.13 10.19 0.65
CA ALA A 173 9.74 8.78 0.72
C ALA A 173 10.37 8.05 -0.47
N GLU A 174 10.28 8.65 -1.65
CA GLU A 174 10.85 8.04 -2.86
C GLU A 174 12.34 7.77 -2.74
N THR A 175 13.07 8.70 -2.12
CA THR A 175 14.52 8.53 -1.98
C THR A 175 14.91 7.55 -0.88
N LEU A 176 13.96 7.21 -0.01
CA LEU A 176 14.22 6.28 1.07
C LEU A 176 14.05 4.82 0.62
N VAL A 177 13.28 4.62 -0.45
CA VAL A 177 13.05 3.26 -0.96
C VAL A 177 14.35 2.65 -1.49
N PRO A 178 14.80 1.55 -0.89
CA PRO A 178 16.04 0.90 -1.33
C PRO A 178 15.84 0.07 -2.60
N GLY A 179 16.71 0.26 -3.58
CA GLY A 179 16.60 -0.48 -4.81
C GLY A 179 16.72 -1.98 -4.57
N GLY A 180 15.88 -2.75 -5.25
CA GLY A 180 15.92 -4.20 -5.09
C GLY A 180 15.20 -4.72 -3.86
N LYS A 181 14.76 -3.81 -2.99
CA LYS A 181 14.06 -4.21 -1.77
C LYS A 181 12.89 -3.29 -1.46
N CYS A 182 12.23 -2.83 -2.50
N CYS A 182 12.21 -2.82 -2.49
CA CYS A 182 11.08 -1.94 -2.36
CA CYS A 182 11.08 -1.92 -2.29
C CYS A 182 9.95 -2.59 -1.55
C CYS A 182 9.95 -2.60 -1.51
N ARG A 183 9.71 -3.87 -1.81
CA ARG A 183 8.66 -4.63 -1.15
C ARG A 183 8.96 -4.75 0.36
N ASP A 184 10.21 -5.11 0.66
CA ASP A 184 10.69 -5.26 2.03
C ASP A 184 10.49 -3.96 2.80
N PHE A 185 10.79 -2.85 2.14
CA PHE A 185 10.69 -1.52 2.74
C PHE A 185 9.25 -1.05 2.95
N ASN A 186 8.47 -1.02 1.87
CA ASN A 186 7.09 -0.58 1.96
C ASN A 186 6.28 -1.41 2.95
N LEU A 187 6.37 -2.74 2.86
CA LEU A 187 5.62 -3.61 3.77
C LEU A 187 6.21 -3.62 5.17
N GLY A 188 7.53 -3.52 5.28
CA GLY A 188 8.14 -3.47 6.59
C GLY A 188 7.71 -2.19 7.30
N LEU A 189 7.60 -1.10 6.54
CA LEU A 189 7.21 0.18 7.14
C LEU A 189 5.73 0.16 7.52
N MET A 190 4.92 -0.50 6.69
CA MET A 190 3.50 -0.59 7.00
C MET A 190 3.35 -1.30 8.35
N ASP A 191 4.08 -2.40 8.52
CA ASP A 191 4.03 -3.19 9.76
C ASP A 191 4.61 -2.44 10.96
N PHE A 192 5.73 -1.77 10.72
CA PHE A 192 6.39 -1.00 11.78
C PHE A 192 5.47 0.11 12.29
N SER A 193 4.85 0.84 11.37
CA SER A 193 3.96 1.92 11.74
C SER A 193 2.78 1.44 12.58
N ALA A 194 2.34 0.21 12.33
CA ALA A 194 1.21 -0.34 13.07
C ALA A 194 1.56 -0.99 14.38
N ILE A 195 2.71 -1.66 14.42
CA ILE A 195 3.14 -2.36 15.61
C ILE A 195 3.98 -1.54 16.57
N ILE A 196 4.87 -0.70 16.04
CA ILE A 196 5.72 0.10 16.90
C ILE A 196 5.33 1.57 16.99
N CYS A 197 5.55 2.31 15.91
CA CYS A 197 5.25 3.74 15.88
C CYS A 197 3.75 3.95 15.61
N ALA A 198 2.93 3.45 16.54
CA ALA A 198 1.47 3.49 16.46
C ALA A 198 0.82 4.88 16.57
N PRO A 199 -0.43 5.01 16.09
CA PRO A 199 -1.15 6.30 16.13
C PRO A 199 -1.22 6.84 17.54
N ARG A 200 -1.45 5.95 18.50
CA ARG A 200 -1.56 6.29 19.91
C ARG A 200 -0.35 5.76 20.69
N LYS A 201 0.36 6.68 21.33
CA LYS A 201 1.52 6.32 22.13
C LYS A 201 2.49 5.35 21.44
N PRO A 202 3.36 5.87 20.56
CA PRO A 202 4.29 4.96 19.89
C PRO A 202 5.07 4.16 20.95
N LYS A 203 5.48 2.94 20.61
CA LYS A 203 6.22 2.10 21.54
C LYS A 203 7.72 2.33 21.37
N CYS A 204 8.13 3.56 21.63
CA CYS A 204 9.51 4.00 21.49
C CYS A 204 10.57 3.17 22.22
N GLU A 205 10.19 2.53 23.32
CA GLU A 205 11.15 1.73 24.08
C GLU A 205 11.52 0.44 23.35
N LYS A 206 10.73 0.11 22.32
CA LYS A 206 10.96 -1.09 21.52
C LYS A 206 11.48 -0.70 20.15
N CYS A 207 11.57 0.61 19.89
CA CYS A 207 12.04 1.10 18.61
C CYS A 207 13.55 1.11 18.48
N GLY A 208 14.05 0.64 17.34
CA GLY A 208 15.49 0.59 17.13
C GLY A 208 16.17 1.85 16.65
N MET A 209 15.39 2.88 16.31
CA MET A 209 15.97 4.13 15.84
C MET A 209 15.62 5.34 16.70
N SER A 210 15.23 5.08 17.94
CA SER A 210 14.85 6.16 18.86
C SER A 210 15.97 7.17 19.09
N LYS A 211 17.22 6.73 18.94
CA LYS A 211 18.39 7.59 19.15
C LYS A 211 18.46 8.78 18.20
N LEU A 212 17.97 8.59 16.97
CA LEU A 212 18.00 9.66 15.97
C LEU A 212 16.63 10.29 15.72
N CYS A 213 15.58 9.72 16.32
CA CYS A 213 14.24 10.22 16.14
C CYS A 213 13.94 11.58 16.77
N SER A 214 13.49 12.51 15.93
CA SER A 214 13.15 13.86 16.36
C SER A 214 12.09 13.84 17.46
N TYR A 215 11.00 13.13 17.21
CA TYR A 215 9.89 13.02 18.16
C TYR A 215 10.30 12.47 19.52
N TYR A 216 11.27 11.55 19.53
CA TYR A 216 11.72 10.95 20.79
C TYR A 216 12.46 11.97 21.66
N GLU A 217 12.89 13.06 21.04
CA GLU A 217 13.62 14.10 21.75
C GLU A 217 12.68 15.01 22.54
N LYS A 218 11.45 15.14 22.04
CA LYS A 218 10.45 16.00 22.68
C LYS A 218 9.83 15.27 23.87
N CYS A 219 10.41 14.13 24.23
CA CYS A 219 9.93 13.33 25.35
C CYS A 219 11.09 13.06 26.30
ZN ZN B . -8.90 -13.20 -18.12
C ACT C . -5.31 9.95 -4.91
O ACT C . -5.28 9.53 -3.86
OXT ACT C . -4.21 10.27 -5.55
CH3 ACT C . -6.59 10.13 -5.62
C ACT D . -6.69 10.98 -1.27
O ACT D . -6.30 10.63 -0.28
OXT ACT D . -5.98 11.70 -2.09
CH3 ACT D . -8.07 10.62 -1.71
C ACT E . -18.26 7.75 0.21
O ACT E . -18.93 8.44 0.80
OXT ACT E . -18.51 6.48 0.08
CH3 ACT E . -17.04 8.27 -0.45
C ACT F . -6.46 -12.52 -21.00
O ACT F . -7.26 -11.88 -20.50
OXT ACT F . -5.22 -12.50 -20.61
CH3 ACT F . -6.80 -13.41 -22.12
CL CL G . -6.82 -12.37 -17.91
CL CL H . 6.74 -16.81 -7.77
FE1 SF4 I . 10.51 5.09 16.93
FE2 SF4 I . 8.25 6.25 16.13
FE3 SF4 I . 9.09 6.55 18.83
FE4 SF4 I . 10.42 7.73 16.97
S1 SF4 I . 8.23 8.21 17.58
S2 SF4 I . 11.28 6.63 18.65
S3 SF4 I . 10.33 6.26 15.05
S4 SF4 I . 8.41 4.63 17.65
#